data_3O97
#
_entry.id   3O97
#
_cell.length_a   63.234
_cell.length_b   50.396
_cell.length_c   65.893
_cell.angle_alpha   90.00
_cell.angle_beta   107.70
_cell.angle_gamma   90.00
#
_symmetry.space_group_name_H-M   'P 1 21 1'
#
loop_
_entity.id
_entity.type
_entity.pdbx_description
1 polymer Lactotransferrin
2 branched 2-acetamido-2-deoxy-beta-D-glucopyranose-(1-4)-2-acetamido-2-deoxy-beta-D-glucopyranose
3 non-polymer 2-acetamido-2-deoxy-beta-D-glucopyranose
4 non-polymer '1H-INDOL-3-YLACETIC ACID'
5 non-polymer 'ZINC ION'
6 non-polymer 'FE (III) ION'
7 non-polymer 'CARBONATE ION'
8 non-polymer 'SULFATE ION'
9 water water
#
_entity_poly.entity_id   1
_entity_poly.type   'polypeptide(L)'
_entity_poly.pdbx_seq_one_letter_code
;YTRVVWCAVGPEEQKKCQQWSQQSGQNVTCATASTTDDCIVLVLKGEADALNLDGGYIYTAGKCGLVPVLAENRKSSKHS
SLDCVLRPTEGYLAVAVVKKANEGLTWNSLKDKKSCHTAVDRTAGWNIPMGLIVNQTGSCAFDEFFSQSCAPGADPKSRL
CALCAGDDQGLDKCVPNSKEKYYGYTGAFRCLAEDVGDVAFVKNDTVWENTNGESTADWAKNLKREDFRLLCLDGTRKPV
TEAQSCHLAVAPNHAVVSRSDRAAHVEQVLLHQQALFGKNGKNCPDKFCLFKSETKNLLFNDNTECLAKLGGRPTYEEYL
GTEYVTAIANLKKCSTSPLLEACAF
;
_entity_poly.pdbx_strand_id   A
#
# COMPACT_ATOMS: atom_id res chain seq x y z
N TYR A 1 -13.85 -24.27 -14.99
CA TYR A 1 -13.29 -25.17 -13.92
C TYR A 1 -12.24 -24.47 -13.02
N THR A 2 -11.13 -24.05 -13.64
CA THR A 2 -10.03 -23.38 -12.91
C THR A 2 -10.14 -21.81 -12.89
N ARG A 3 -11.36 -21.27 -12.87
CA ARG A 3 -11.59 -19.81 -12.99
C ARG A 3 -11.45 -19.02 -11.65
N VAL A 4 -10.75 -17.89 -11.70
CA VAL A 4 -10.48 -17.08 -10.49
C VAL A 4 -11.20 -15.72 -10.59
N VAL A 5 -11.79 -15.28 -9.48
CA VAL A 5 -12.53 -14.03 -9.44
C VAL A 5 -11.73 -13.05 -8.59
N TRP A 6 -11.20 -11.99 -9.21
CA TRP A 6 -10.42 -10.98 -8.52
C TRP A 6 -11.27 -9.88 -7.91
N CYS A 7 -10.87 -9.33 -6.78
CA CYS A 7 -11.62 -8.21 -6.21
C CYS A 7 -10.92 -6.89 -6.43
N ALA A 8 -11.53 -6.02 -7.23
CA ALA A 8 -11.00 -4.72 -7.54
C ALA A 8 -11.63 -3.71 -6.63
N VAL A 9 -10.80 -2.78 -6.13
CA VAL A 9 -11.24 -1.74 -5.22
C VAL A 9 -11.45 -0.43 -5.96
N GLY A 10 -12.69 -0.17 -6.36
CA GLY A 10 -13.08 1.11 -6.95
C GLY A 10 -13.00 1.06 -8.46
N PRO A 11 -13.58 2.06 -9.15
CA PRO A 11 -13.75 2.14 -10.60
C PRO A 11 -12.51 1.98 -11.46
N GLU A 12 -11.36 2.48 -11.03
CA GLU A 12 -10.17 2.39 -11.89
C GLU A 12 -9.56 0.99 -11.87
N GLU A 13 -9.55 0.37 -10.70
CA GLU A 13 -9.08 -1.00 -10.57
C GLU A 13 -10.04 -1.96 -11.28
N GLN A 14 -11.34 -1.64 -11.28
CA GLN A 14 -12.28 -2.41 -12.06
C GLN A 14 -11.95 -2.36 -13.56
N LYS A 15 -11.65 -1.18 -14.08
CA LYS A 15 -11.28 -1.02 -15.47
C LYS A 15 -10.06 -1.90 -15.82
N LYS A 16 -9.00 -1.84 -15.02
CA LYS A 16 -7.81 -2.69 -15.25
C LYS A 16 -8.15 -4.17 -15.14
N CYS A 17 -8.97 -4.54 -14.17
CA CYS A 17 -9.29 -5.93 -13.97
C CYS A 17 -10.01 -6.47 -15.20
N GLN A 18 -10.94 -5.68 -15.73
CA GLN A 18 -11.70 -6.07 -16.91
C GLN A 18 -10.84 -6.33 -18.14
N GLN A 19 -9.84 -5.47 -18.36
CA GLN A 19 -8.90 -5.67 -19.45
C GLN A 19 -8.17 -7.00 -19.32
N TRP A 20 -7.74 -7.25 -18.09
CA TRP A 20 -7.07 -8.45 -17.69
C TRP A 20 -7.99 -9.62 -17.91
N SER A 21 -9.25 -9.45 -17.53
CA SER A 21 -10.25 -10.51 -17.68
C SER A 21 -10.37 -10.93 -19.15
N GLN A 22 -10.48 -9.91 -19.99
CA GLN A 22 -10.62 -10.04 -21.43
C GLN A 22 -9.42 -10.75 -22.07
N GLN A 23 -8.22 -10.27 -21.77
CA GLN A 23 -6.96 -10.81 -22.29
C GLN A 23 -6.63 -12.20 -21.74
N SER A 24 -7.35 -12.62 -20.71
CA SER A 24 -7.11 -13.93 -20.10
C SER A 24 -8.15 -14.95 -20.60
N GLY A 25 -9.09 -14.48 -21.42
CA GLY A 25 -10.16 -15.33 -21.96
C GLY A 25 -11.01 -15.86 -20.84
N GLN A 26 -11.37 -14.94 -19.95
CA GLN A 26 -12.14 -15.22 -18.73
C GLN A 26 -11.52 -16.32 -17.87
N ASN A 27 -10.19 -16.46 -17.90
CA ASN A 27 -9.53 -17.26 -16.85
C ASN A 27 -9.55 -16.51 -15.49
N VAL A 28 -9.56 -15.18 -15.55
CA VAL A 28 -9.83 -14.32 -14.40
C VAL A 28 -11.00 -13.45 -14.74
N THR A 29 -11.95 -13.36 -13.82
CA THR A 29 -13.05 -12.39 -13.92
C THR A 29 -13.00 -11.51 -12.69
N CYS A 30 -13.85 -10.49 -12.67
CA CYS A 30 -13.73 -9.38 -11.71
C CYS A 30 -14.96 -9.19 -10.88
N ALA A 31 -14.74 -8.77 -9.64
CA ALA A 31 -15.78 -8.34 -8.76
C ALA A 31 -15.30 -6.95 -8.29
N THR A 32 -16.23 -6.07 -7.91
CA THR A 32 -15.86 -4.72 -7.47
C THR A 32 -16.50 -4.37 -6.11
N ALA A 33 -15.73 -3.67 -5.27
CA ALA A 33 -16.23 -3.10 -4.05
C ALA A 33 -15.64 -1.67 -3.88
N SER A 34 -16.26 -0.85 -3.04
CA SER A 34 -15.76 0.52 -2.80
C SER A 34 -14.59 0.58 -1.83
N THR A 35 -14.36 -0.48 -1.06
CA THR A 35 -13.25 -0.49 -0.12
C THR A 35 -12.62 -1.85 0.02
N THR A 36 -11.40 -1.87 0.53
CA THR A 36 -10.66 -3.10 0.77
C THR A 36 -11.36 -4.01 1.73
N ASP A 37 -11.94 -3.47 2.81
CA ASP A 37 -12.79 -4.26 3.71
C ASP A 37 -13.94 -4.94 2.97
N ASP A 38 -14.61 -4.21 2.09
CA ASP A 38 -15.70 -4.81 1.34
C ASP A 38 -15.21 -5.99 0.50
N CYS A 39 -14.07 -5.82 -0.16
CA CYS A 39 -13.46 -6.90 -0.88
C CYS A 39 -13.05 -8.08 0.03
N ILE A 40 -12.58 -7.80 1.24
CA ILE A 40 -12.31 -8.87 2.19
C ILE A 40 -13.60 -9.66 2.45
N VAL A 41 -14.68 -8.97 2.85
CA VAL A 41 -16.01 -9.58 2.97
C VAL A 41 -16.40 -10.42 1.73
N LEU A 42 -16.25 -9.87 0.52
CA LEU A 42 -16.60 -10.64 -0.70
C LEU A 42 -15.85 -11.98 -0.76
N VAL A 43 -14.60 -11.98 -0.31
CA VAL A 43 -13.78 -13.18 -0.34
C VAL A 43 -14.31 -14.22 0.68
N LEU A 44 -14.59 -13.78 1.91
CA LEU A 44 -15.22 -14.61 2.95
C LEU A 44 -16.52 -15.30 2.48
N LYS A 45 -17.35 -14.57 1.76
CA LYS A 45 -18.64 -15.07 1.32
C LYS A 45 -18.44 -16.05 0.17
N GLY A 46 -17.27 -16.00 -0.48
CA GLY A 46 -16.94 -16.88 -1.60
C GLY A 46 -17.33 -16.24 -2.91
N GLU A 47 -17.71 -14.96 -2.88
CA GLU A 47 -18.13 -14.24 -4.12
C GLU A 47 -16.89 -13.74 -4.89
N ALA A 48 -15.75 -13.63 -4.21
CA ALA A 48 -14.48 -13.37 -4.88
C ALA A 48 -13.46 -14.37 -4.32
N ASP A 49 -12.37 -14.57 -5.07
CA ASP A 49 -11.29 -15.50 -4.69
C ASP A 49 -10.09 -14.83 -4.02
N ALA A 50 -9.62 -13.68 -4.54
CA ALA A 50 -8.36 -13.08 -4.09
C ALA A 50 -8.31 -11.60 -4.37
N LEU A 51 -7.42 -10.90 -3.66
CA LEU A 51 -6.91 -9.56 -3.97
C LEU A 51 -5.52 -9.38 -3.35
N ASN A 52 -4.80 -8.35 -3.79
CA ASN A 52 -3.43 -8.07 -3.32
C ASN A 52 -3.60 -7.07 -2.21
N LEU A 53 -2.93 -7.26 -1.07
CA LEU A 53 -3.22 -6.44 0.11
C LEU A 53 -1.97 -5.89 0.78
N ASP A 54 -2.07 -4.71 1.38
CA ASP A 54 -1.02 -4.14 2.20
C ASP A 54 -0.95 -4.92 3.51
N GLY A 55 0.19 -4.92 4.20
CA GLY A 55 0.29 -5.63 5.47
C GLY A 55 -0.81 -5.35 6.51
N GLY A 56 -1.26 -4.08 6.59
CA GLY A 56 -2.29 -3.69 7.55
C GLY A 56 -3.60 -4.44 7.33
N TYR A 57 -3.90 -4.73 6.07
CA TYR A 57 -5.15 -5.36 5.73
C TYR A 57 -5.02 -6.89 5.80
N ILE A 58 -3.81 -7.40 5.55
CA ILE A 58 -3.50 -8.81 5.71
C ILE A 58 -3.76 -9.18 7.18
N TYR A 59 -3.62 -8.21 8.06
CA TYR A 59 -3.84 -8.46 9.49
C TYR A 59 -5.35 -8.68 9.79
N THR A 60 -6.17 -7.77 9.27
CA THR A 60 -7.63 -7.87 9.25
C THR A 60 -8.07 -9.23 8.70
N ALA A 61 -7.77 -9.43 7.42
CA ALA A 61 -8.06 -10.63 6.70
C ALA A 61 -7.67 -11.85 7.48
N GLY A 62 -6.49 -11.79 8.10
CA GLY A 62 -5.89 -12.93 8.77
C GLY A 62 -6.75 -13.42 9.90
N LYS A 63 -7.28 -12.49 10.69
CA LYS A 63 -8.22 -12.78 11.78
C LYS A 63 -9.52 -13.40 11.33
N CYS A 64 -9.82 -13.30 10.03
CA CYS A 64 -11.05 -13.84 9.48
C CYS A 64 -10.78 -15.13 8.73
N GLY A 65 -9.57 -15.64 8.93
CA GLY A 65 -9.17 -16.93 8.35
C GLY A 65 -8.63 -16.87 6.93
N LEU A 66 -8.40 -15.68 6.39
CA LEU A 66 -7.82 -15.61 5.04
C LEU A 66 -6.30 -15.87 5.10
N VAL A 67 -5.70 -16.25 3.97
CA VAL A 67 -4.29 -16.59 4.00
C VAL A 67 -3.44 -15.99 2.88
N PRO A 68 -2.18 -15.67 3.18
CA PRO A 68 -1.22 -15.15 2.20
C PRO A 68 -0.86 -16.29 1.29
N VAL A 69 -0.87 -16.03 -0.01
CA VAL A 69 -0.63 -17.00 -1.07
C VAL A 69 0.70 -16.69 -1.82
N LEU A 70 0.89 -15.43 -2.17
CA LEU A 70 1.99 -15.04 -3.03
C LEU A 70 2.22 -13.59 -2.68
N ALA A 71 3.50 -13.20 -2.66
CA ALA A 71 3.89 -11.86 -2.31
C ALA A 71 4.48 -11.12 -3.49
N GLU A 72 4.35 -9.79 -3.50
CA GLU A 72 5.09 -8.96 -4.44
C GLU A 72 6.62 -9.01 -4.17
N ASN A 73 7.41 -9.09 -5.23
CA ASN A 73 8.85 -8.88 -5.20
C ASN A 73 9.27 -7.78 -6.15
N ARG A 74 10.02 -6.79 -5.67
CA ARG A 74 10.54 -5.74 -6.56
C ARG A 74 12.00 -5.96 -6.97
N LYS A 75 12.55 -4.98 -7.72
CA LYS A 75 13.98 -4.97 -8.14
C LYS A 75 14.99 -5.04 -6.97
N SER A 76 15.80 -6.11 -6.93
CA SER A 76 16.79 -6.34 -5.88
C SER A 76 18.18 -6.60 -6.47
N SER A 77 19.23 -6.26 -5.71
CA SER A 77 20.61 -6.53 -6.13
C SER A 77 21.17 -7.79 -5.44
N LYS A 78 20.85 -7.95 -4.16
CA LYS A 78 21.15 -9.17 -3.39
C LYS A 78 20.23 -10.32 -3.86
N HIS A 79 20.57 -11.56 -3.49
CA HIS A 79 19.83 -12.78 -3.91
C HIS A 79 19.76 -12.91 -5.46
N SER A 80 20.81 -12.44 -6.13
CA SER A 80 20.85 -12.35 -7.61
C SER A 80 21.14 -13.69 -8.29
N SER A 81 21.60 -14.66 -7.51
CA SER A 81 21.77 -16.06 -7.96
C SER A 81 20.41 -16.77 -8.21
N LEU A 82 19.31 -16.16 -7.70
CA LEU A 82 17.99 -16.81 -7.68
C LEU A 82 16.94 -16.15 -8.61
N ASP A 83 16.07 -16.98 -9.18
CA ASP A 83 14.93 -16.49 -9.96
C ASP A 83 13.95 -15.77 -9.05
N CYS A 84 13.18 -14.83 -9.61
CA CYS A 84 12.27 -13.96 -8.85
C CYS A 84 11.20 -14.73 -8.01
N VAL A 85 10.44 -15.61 -8.65
CA VAL A 85 9.41 -16.38 -7.93
C VAL A 85 9.95 -17.12 -6.68
N LEU A 86 11.19 -17.59 -6.77
CA LEU A 86 11.84 -18.36 -5.69
C LEU A 86 12.62 -17.48 -4.69
N ARG A 87 12.91 -16.23 -5.08
CA ARG A 87 13.68 -15.28 -4.26
C ARG A 87 12.85 -14.71 -3.11
N PRO A 88 13.42 -14.67 -1.89
CA PRO A 88 12.65 -14.16 -0.75
C PRO A 88 12.44 -12.66 -0.85
N THR A 89 11.34 -12.22 -0.27
CA THR A 89 10.97 -10.82 -0.28
C THR A 89 11.81 -10.00 0.77
N GLU A 90 12.34 -8.83 0.37
CA GLU A 90 13.09 -7.96 1.31
C GLU A 90 12.21 -7.25 2.34
N GLY A 91 11.12 -6.64 1.90
CA GLY A 91 10.34 -5.77 2.77
C GLY A 91 10.63 -4.36 2.31
N TYR A 92 9.64 -3.48 2.37
CA TYR A 92 9.87 -2.10 1.95
C TYR A 92 10.08 -1.18 3.14
N LEU A 93 10.67 0.00 2.90
CA LEU A 93 11.02 0.90 4.00
C LEU A 93 9.95 1.97 4.17
N ALA A 94 9.39 2.09 5.36
CA ALA A 94 8.38 3.09 5.66
C ALA A 94 9.09 4.39 5.99
N VAL A 95 8.73 5.49 5.36
CA VAL A 95 9.45 6.76 5.58
C VAL A 95 8.51 7.91 5.86
N ALA A 96 9.04 9.00 6.41
CA ALA A 96 8.29 10.24 6.60
C ALA A 96 9.01 11.25 5.74
N VAL A 97 8.31 11.93 4.82
CA VAL A 97 8.94 12.81 3.85
C VAL A 97 8.41 14.22 4.08
N VAL A 98 9.24 15.21 3.78
CA VAL A 98 8.92 16.64 3.97
C VAL A 98 9.60 17.44 2.86
N LYS A 99 9.17 18.69 2.67
CA LYS A 99 9.89 19.60 1.77
C LYS A 99 11.14 20.09 2.47
N LYS A 100 12.25 20.19 1.73
CA LYS A 100 13.49 20.80 2.23
C LYS A 100 13.24 22.26 2.62
N ALA A 101 12.56 23.00 1.73
CA ALA A 101 12.17 24.38 1.99
C ALA A 101 11.49 24.57 3.33
N ASN A 102 11.02 23.49 3.93
CA ASN A 102 10.28 23.56 5.18
C ASN A 102 11.26 23.29 6.32
N GLU A 103 12.19 24.25 6.50
CA GLU A 103 13.35 24.11 7.40
C GLU A 103 12.90 23.99 8.83
N GLY A 104 13.66 23.25 9.65
CA GLY A 104 13.33 23.16 11.07
C GLY A 104 12.18 22.26 11.49
N LEU A 105 11.44 21.70 10.53
CA LEU A 105 10.49 20.62 10.80
C LEU A 105 11.22 19.28 10.96
N THR A 106 11.17 18.69 12.16
CA THR A 106 11.81 17.40 12.40
C THR A 106 10.75 16.45 12.91
N TRP A 107 11.12 15.21 13.24
CA TRP A 107 10.22 14.26 13.93
C TRP A 107 9.65 14.81 15.24
N ASN A 108 10.42 15.65 15.92
CA ASN A 108 10.01 16.22 17.21
C ASN A 108 9.13 17.47 17.15
N SER A 109 8.81 17.94 15.96
CA SER A 109 8.02 19.15 15.86
C SER A 109 6.84 18.92 14.90
N LEU A 110 6.27 17.70 14.97
CA LEU A 110 5.19 17.29 14.08
C LEU A 110 3.81 17.63 14.64
N LYS A 111 3.72 17.76 15.96
CA LYS A 111 2.46 18.10 16.58
C LYS A 111 1.88 19.37 15.94
N ASP A 112 0.62 19.29 15.51
CA ASP A 112 -0.10 20.43 14.90
C ASP A 112 0.28 20.77 13.47
N LYS A 113 1.09 19.93 12.85
CA LYS A 113 1.33 20.05 11.43
C LYS A 113 0.24 19.33 10.61
N LYS A 114 0.31 19.51 9.30
CA LYS A 114 -0.65 18.90 8.39
C LYS A 114 -0.05 17.63 7.83
N SER A 115 -0.79 16.52 7.91
CA SER A 115 -0.25 15.21 7.52
C SER A 115 -0.97 14.53 6.37
N CYS A 116 -0.21 13.76 5.59
CA CYS A 116 -0.72 13.00 4.44
C CYS A 116 -0.46 11.53 4.65
N HIS A 117 -1.54 10.75 4.71
CA HIS A 117 -1.49 9.28 4.91
C HIS A 117 -2.02 8.52 3.71
N THR A 118 -1.47 7.33 3.46
CA THR A 118 -1.93 6.52 2.33
C THR A 118 -3.42 6.19 2.47
N ALA A 119 -3.81 5.74 3.66
CA ALA A 119 -5.19 5.38 4.00
C ALA A 119 -5.15 4.90 5.44
N VAL A 120 -6.25 5.08 6.18
CA VAL A 120 -6.35 4.47 7.52
C VAL A 120 -6.08 2.96 7.42
N ASP A 121 -5.25 2.43 8.33
CA ASP A 121 -5.00 0.99 8.47
C ASP A 121 -3.94 0.37 7.59
N ARG A 122 -3.25 1.18 6.80
CA ARG A 122 -2.17 0.68 5.99
C ARG A 122 -0.85 0.76 6.75
N THR A 123 0.17 0.03 6.31
CA THR A 123 1.41 -0.09 7.08
C THR A 123 2.22 1.21 7.13
N ALA A 124 2.64 1.71 5.97
CA ALA A 124 3.52 2.88 5.93
C ALA A 124 2.71 4.16 6.16
N GLY A 125 1.44 4.14 5.78
CA GLY A 125 0.64 5.35 5.87
C GLY A 125 -0.02 5.58 7.23
N TRP A 126 -0.18 4.51 7.99
CA TRP A 126 -0.95 4.62 9.22
C TRP A 126 -0.35 3.91 10.43
N ASN A 127 -0.24 2.58 10.35
CA ASN A 127 0.08 1.78 11.52
C ASN A 127 1.44 2.04 12.07
N ILE A 128 2.44 2.22 11.19
CA ILE A 128 3.78 2.58 11.67
C ILE A 128 3.78 3.98 12.33
N PRO A 129 3.43 5.04 11.56
CA PRO A 129 3.49 6.41 12.10
C PRO A 129 2.70 6.55 13.42
N MET A 130 1.39 6.25 13.37
CA MET A 130 0.48 6.45 14.50
C MET A 130 0.79 5.52 15.66
N GLY A 131 1.31 4.34 15.36
CA GLY A 131 1.83 3.45 16.38
C GLY A 131 2.95 4.13 17.13
N LEU A 132 3.94 4.64 16.41
CA LEU A 132 4.99 5.44 17.05
C LEU A 132 4.46 6.68 17.80
N ILE A 133 3.50 7.37 17.23
CA ILE A 133 3.02 8.60 17.85
C ILE A 133 2.29 8.32 19.18
N VAL A 134 1.35 7.37 19.18
CA VAL A 134 0.69 6.93 20.41
C VAL A 134 1.74 6.53 21.45
N ASN A 135 2.79 5.84 21.02
CA ASN A 135 3.85 5.42 21.91
C ASN A 135 4.52 6.56 22.61
N GLN A 136 5.08 7.48 21.83
CA GLN A 136 5.77 8.68 22.34
C GLN A 136 4.85 9.63 23.09
N THR A 137 3.58 9.61 22.75
CA THR A 137 2.60 10.53 23.30
C THR A 137 1.96 10.01 24.60
N GLY A 138 2.13 8.72 24.87
CA GLY A 138 1.34 8.02 25.87
C GLY A 138 -0.16 8.29 25.81
N SER A 139 -0.72 8.53 24.62
CA SER A 139 -2.16 8.82 24.48
C SER A 139 -2.79 8.27 23.18
N CYS A 140 -4.02 7.78 23.29
CA CYS A 140 -4.78 7.24 22.15
C CYS A 140 -5.48 8.31 21.34
N ALA A 141 -5.18 9.56 21.68
CA ALA A 141 -5.82 10.68 21.04
C ALA A 141 -5.13 11.08 19.72
N PHE A 142 -4.79 10.08 18.89
CA PHE A 142 -4.14 10.30 17.59
C PHE A 142 -4.98 11.14 16.60
N ASP A 143 -6.28 11.23 16.82
CA ASP A 143 -7.13 12.13 16.02
C ASP A 143 -6.87 13.60 16.33
N GLU A 144 -6.20 13.87 17.44
CA GLU A 144 -5.94 15.24 17.89
C GLU A 144 -4.49 15.64 17.82
N PHE A 145 -3.64 14.77 17.29
CA PHE A 145 -2.21 15.05 17.14
C PHE A 145 -1.92 16.07 16.06
N PHE A 146 -2.45 15.86 14.85
CA PHE A 146 -2.21 16.75 13.72
C PHE A 146 -3.32 17.76 13.66
N SER A 147 -3.06 18.93 13.08
CA SER A 147 -4.11 19.95 13.01
C SER A 147 -5.13 19.47 11.99
N GLN A 148 -4.61 18.90 10.89
CA GLN A 148 -5.41 18.48 9.74
C GLN A 148 -4.64 17.41 8.99
N SER A 149 -5.36 16.42 8.50
CA SER A 149 -4.78 15.37 7.70
C SER A 149 -5.63 15.04 6.51
N CYS A 150 -5.06 14.23 5.64
CA CYS A 150 -5.88 13.43 4.78
C CYS A 150 -5.55 11.94 5.06
N ALA A 151 -6.51 11.22 5.65
CA ALA A 151 -6.35 9.84 6.06
C ALA A 151 -7.52 9.08 5.45
N PRO A 152 -7.44 8.73 4.14
CA PRO A 152 -8.62 8.09 3.57
C PRO A 152 -9.14 6.95 4.43
N GLY A 153 -10.46 6.90 4.61
CA GLY A 153 -11.08 5.87 5.43
C GLY A 153 -11.48 6.35 6.81
N ALA A 154 -11.04 7.52 7.23
CA ALA A 154 -11.50 8.17 8.45
C ALA A 154 -12.84 8.90 8.18
N ASP A 155 -13.51 9.37 9.24
CA ASP A 155 -14.76 10.12 9.12
C ASP A 155 -14.56 11.34 8.25
N PRO A 156 -15.34 11.44 7.16
CA PRO A 156 -15.24 12.55 6.19
C PRO A 156 -15.33 13.92 6.84
N LYS A 157 -16.03 13.98 7.95
CA LYS A 157 -16.22 15.23 8.65
C LYS A 157 -15.29 15.46 9.85
N SER A 158 -14.35 14.54 10.09
CA SER A 158 -13.32 14.76 11.07
C SER A 158 -12.14 15.49 10.43
N ARG A 159 -11.23 16.00 11.27
CA ARG A 159 -10.05 16.69 10.79
C ARG A 159 -9.06 15.72 10.13
N LEU A 160 -9.22 14.43 10.43
CA LEU A 160 -8.50 13.39 9.68
C LEU A 160 -8.81 13.36 8.19
N CYS A 161 -9.93 13.95 7.76
CA CYS A 161 -10.28 14.00 6.32
C CYS A 161 -10.21 15.41 5.73
N ALA A 162 -9.89 16.39 6.56
CA ALA A 162 -10.00 17.80 6.15
C ALA A 162 -9.21 18.13 4.90
N LEU A 163 -8.06 17.48 4.71
CA LEU A 163 -7.18 17.79 3.57
C LEU A 163 -7.47 16.96 2.30
N CYS A 164 -8.32 15.92 2.42
CA CYS A 164 -8.67 15.10 1.24
C CYS A 164 -9.55 15.85 0.24
N ALA A 165 -9.39 15.54 -1.03
CA ALA A 165 -10.02 16.33 -2.05
C ALA A 165 -11.08 15.58 -2.89
N GLY A 166 -11.39 14.33 -2.56
CA GLY A 166 -12.34 13.59 -3.39
C GLY A 166 -11.93 13.50 -4.85
N ASP A 167 -12.89 13.26 -5.74
CA ASP A 167 -12.59 13.03 -7.15
C ASP A 167 -12.70 14.31 -7.96
N ASP A 168 -12.76 14.19 -9.29
CA ASP A 168 -12.74 15.37 -10.17
C ASP A 168 -13.95 16.26 -9.99
N GLN A 169 -15.09 15.69 -9.62
CA GLN A 169 -16.28 16.47 -9.31
C GLN A 169 -16.26 16.85 -7.84
N GLY A 170 -15.17 16.57 -7.13
CA GLY A 170 -15.16 16.72 -5.68
C GLY A 170 -16.11 15.80 -4.91
N LEU A 171 -16.56 14.70 -5.51
CA LEU A 171 -17.39 13.73 -4.78
C LEU A 171 -16.47 12.70 -4.17
N ASP A 172 -16.97 11.96 -3.20
CA ASP A 172 -16.21 10.88 -2.60
C ASP A 172 -15.03 11.28 -1.70
N LYS A 173 -15.07 12.50 -1.13
CA LYS A 173 -13.99 12.99 -0.28
C LYS A 173 -13.62 11.94 0.75
N CYS A 174 -12.33 11.63 0.83
CA CYS A 174 -11.81 10.70 1.83
C CYS A 174 -12.14 9.21 1.65
N VAL A 175 -12.65 8.80 0.47
CA VAL A 175 -12.91 7.36 0.27
C VAL A 175 -11.61 6.62 0.19
N PRO A 176 -11.53 5.44 0.79
CA PRO A 176 -10.27 4.70 0.75
C PRO A 176 -10.15 3.91 -0.52
N ASN A 177 -10.10 4.62 -1.64
CA ASN A 177 -9.76 4.01 -2.93
C ASN A 177 -9.31 5.11 -3.85
N SER A 178 -8.91 4.75 -5.06
CA SER A 178 -8.22 5.69 -5.92
C SER A 178 -9.12 6.76 -6.54
N LYS A 179 -10.41 6.77 -6.27
CA LYS A 179 -11.23 7.92 -6.68
C LYS A 179 -10.79 9.16 -5.91
N GLU A 180 -10.36 8.97 -4.66
CA GLU A 180 -9.76 10.02 -3.82
C GLU A 180 -8.38 10.43 -4.43
N LYS A 181 -8.15 11.74 -4.53
CA LYS A 181 -6.97 12.27 -5.16
C LYS A 181 -5.70 11.94 -4.34
N TYR A 182 -5.80 12.04 -3.01
CA TYR A 182 -4.64 12.01 -2.12
C TYR A 182 -4.62 10.62 -1.46
N TYR A 183 -5.11 9.65 -2.23
CA TYR A 183 -5.22 8.28 -1.74
C TYR A 183 -4.02 7.39 -2.11
N GLY A 184 -3.56 6.54 -1.18
CA GLY A 184 -2.48 5.60 -1.48
C GLY A 184 -1.07 6.20 -1.54
N TYR A 185 -0.08 5.40 -1.97
CA TYR A 185 1.31 5.88 -1.95
C TYR A 185 1.47 7.15 -2.81
N THR A 186 0.95 7.12 -4.04
CA THR A 186 1.01 8.28 -4.92
C THR A 186 0.15 9.48 -4.49
N GLY A 187 -1.07 9.23 -4.01
CA GLY A 187 -1.92 10.27 -3.46
C GLY A 187 -1.30 10.99 -2.26
N ALA A 188 -0.87 10.23 -1.26
CA ALA A 188 -0.18 10.82 -0.10
C ALA A 188 1.05 11.63 -0.48
N PHE A 189 1.84 11.18 -1.44
CA PHE A 189 3.01 11.96 -1.79
C PHE A 189 2.60 13.25 -2.55
N ARG A 190 1.52 13.15 -3.34
CA ARG A 190 1.06 14.24 -4.16
C ARG A 190 0.56 15.31 -3.22
N CYS A 191 0.06 14.84 -2.09
CA CYS A 191 -0.56 15.67 -1.08
C CYS A 191 0.53 16.57 -0.48
N LEU A 192 1.71 16.00 -0.25
CA LEU A 192 2.86 16.74 0.25
C LEU A 192 3.37 17.62 -0.89
N ALA A 193 3.45 17.04 -2.08
CA ALA A 193 4.11 17.70 -3.20
C ALA A 193 3.41 18.99 -3.58
N GLU A 194 2.11 19.10 -3.32
CA GLU A 194 1.37 20.32 -3.64
C GLU A 194 1.23 21.18 -2.41
N ASP A 195 1.92 20.77 -1.36
CA ASP A 195 1.99 21.56 -0.13
C ASP A 195 0.67 21.68 0.55
N VAL A 196 -0.17 20.65 0.38
CA VAL A 196 -1.43 20.54 1.11
C VAL A 196 -1.10 20.11 2.54
N GLY A 197 -0.20 19.13 2.69
CA GLY A 197 0.28 18.73 4.01
C GLY A 197 1.75 19.07 4.21
N ASP A 198 2.20 18.97 5.44
CA ASP A 198 3.61 19.16 5.78
C ASP A 198 4.44 17.89 5.72
N VAL A 199 3.80 16.75 5.90
CA VAL A 199 4.46 15.44 5.96
C VAL A 199 3.58 14.35 5.35
N ALA A 200 4.25 13.40 4.69
CA ALA A 200 3.61 12.32 3.98
C ALA A 200 4.26 11.05 4.48
N PHE A 201 3.41 10.11 4.90
CA PHE A 201 3.84 8.81 5.35
C PHE A 201 3.66 7.80 4.26
N VAL A 202 4.75 7.59 3.53
CA VAL A 202 4.74 6.70 2.38
C VAL A 202 5.88 5.69 2.56
N LYS A 203 6.29 5.01 1.50
CA LYS A 203 7.49 4.16 1.53
C LYS A 203 8.63 4.77 0.68
N ASN A 204 9.85 4.28 0.90
CA ASN A 204 11.01 4.80 0.19
C ASN A 204 10.81 4.96 -1.32
N ASP A 205 10.20 3.99 -1.96
CA ASP A 205 10.17 3.93 -3.38
C ASP A 205 9.28 4.96 -3.98
N THR A 206 8.32 5.43 -3.23
CA THR A 206 7.37 6.44 -3.70
C THR A 206 8.07 7.73 -4.09
N VAL A 207 9.01 8.18 -3.28
CA VAL A 207 9.82 9.36 -3.63
C VAL A 207 10.65 9.18 -4.94
N TRP A 208 11.38 8.07 -5.06
CA TRP A 208 12.18 7.82 -6.26
C TRP A 208 11.37 7.73 -7.53
N GLU A 209 10.20 7.13 -7.44
CA GLU A 209 9.37 6.88 -8.61
C GLU A 209 8.63 8.12 -9.09
N ASN A 210 8.45 9.11 -8.23
CA ASN A 210 7.66 10.32 -8.59
C ASN A 210 8.45 11.62 -8.66
N THR A 211 9.77 11.49 -8.66
CA THR A 211 10.65 12.66 -8.79
C THR A 211 11.70 12.40 -9.89
N ASN A 212 12.39 13.46 -10.31
CA ASN A 212 13.44 13.43 -11.35
C ASN A 212 12.97 12.90 -12.70
N GLY A 213 11.75 13.28 -13.11
CA GLY A 213 11.20 12.85 -14.39
C GLY A 213 10.78 11.39 -14.52
N GLU A 214 10.79 10.64 -13.42
CA GLU A 214 10.36 9.24 -13.43
C GLU A 214 8.85 9.10 -13.69
N SER A 215 8.07 10.03 -13.14
CA SER A 215 6.63 10.11 -13.40
C SER A 215 6.36 11.26 -14.38
N THR A 216 5.54 10.99 -15.37
CA THR A 216 5.18 11.98 -16.38
C THR A 216 3.96 12.80 -15.98
N ALA A 217 3.37 12.45 -14.83
CA ALA A 217 2.19 13.13 -14.31
C ALA A 217 2.48 14.61 -14.09
N ASP A 218 1.59 15.44 -14.63
CA ASP A 218 1.64 16.90 -14.55
C ASP A 218 2.05 17.50 -13.17
N TRP A 219 1.55 16.92 -12.06
CA TRP A 219 1.92 17.36 -10.70
C TRP A 219 3.36 16.98 -10.28
N ALA A 220 3.95 15.99 -10.97
CA ALA A 220 5.19 15.36 -10.51
C ALA A 220 6.40 15.57 -11.43
N LYS A 221 6.12 15.93 -12.68
CA LYS A 221 7.13 16.07 -13.74
C LYS A 221 8.28 17.04 -13.43
N ASN A 222 8.01 18.09 -12.66
CA ASN A 222 9.01 19.05 -12.20
C ASN A 222 9.54 18.76 -10.82
N LEU A 223 9.22 17.59 -10.27
CA LEU A 223 9.63 17.33 -8.89
C LEU A 223 11.03 16.76 -8.86
N LYS A 224 11.79 17.20 -7.87
CA LYS A 224 13.20 16.94 -7.81
C LYS A 224 13.55 16.38 -6.43
N ARG A 225 14.29 15.27 -6.41
CA ARG A 225 14.67 14.61 -5.15
C ARG A 225 15.34 15.52 -4.13
N GLU A 226 16.17 16.44 -4.62
CA GLU A 226 16.91 17.30 -3.70
C GLU A 226 15.99 18.24 -2.89
N ASP A 227 14.74 18.41 -3.36
CA ASP A 227 13.75 19.24 -2.65
C ASP A 227 13.02 18.53 -1.51
N PHE A 228 13.36 17.24 -1.30
CA PHE A 228 12.71 16.48 -0.24
C PHE A 228 13.66 16.05 0.84
N ARG A 229 13.13 15.79 2.02
CA ARG A 229 13.94 15.22 3.08
C ARG A 229 13.16 14.13 3.79
N LEU A 230 13.90 13.16 4.33
CA LEU A 230 13.37 12.10 5.17
C LEU A 230 13.53 12.56 6.59
N LEU A 231 12.50 12.39 7.42
CA LEU A 231 12.62 12.61 8.87
C LEU A 231 13.00 11.33 9.59
N CYS A 232 14.15 11.34 10.29
CA CYS A 232 14.61 10.20 11.07
C CYS A 232 14.05 10.28 12.46
N LEU A 233 13.98 9.13 13.11
CA LEU A 233 13.54 9.06 14.50
C LEU A 233 14.48 9.76 15.50
N ASP A 234 15.74 9.98 15.16
CA ASP A 234 16.66 10.59 16.13
C ASP A 234 16.56 12.12 16.18
N GLY A 235 15.64 12.71 15.43
CA GLY A 235 15.48 14.15 15.40
C GLY A 235 16.20 14.79 14.22
N THR A 236 16.87 14.00 13.39
CA THR A 236 17.57 14.58 12.22
C THR A 236 16.75 14.53 10.91
N ARG A 237 17.37 15.02 9.83
CA ARG A 237 16.77 15.12 8.50
C ARG A 237 17.83 14.66 7.55
N LYS A 238 17.48 13.78 6.61
CA LYS A 238 18.48 13.28 5.68
C LYS A 238 17.95 13.39 4.28
N PRO A 239 18.86 13.43 3.27
CA PRO A 239 18.42 13.30 1.87
C PRO A 239 17.70 11.97 1.67
N VAL A 240 17.05 11.84 0.53
CA VAL A 240 16.21 10.68 0.28
C VAL A 240 17.06 9.52 -0.17
N THR A 241 18.37 9.70 -0.17
CA THR A 241 19.32 8.63 -0.52
C THR A 241 19.78 7.86 0.72
N GLU A 242 19.38 8.32 1.90
CA GLU A 242 19.76 7.72 3.19
C GLU A 242 18.65 6.89 3.77
N ALA A 243 17.75 6.37 2.95
CA ALA A 243 16.59 5.67 3.46
C ALA A 243 17.01 4.51 4.37
N GLN A 244 18.11 3.86 3.98
CA GLN A 244 18.61 2.66 4.68
C GLN A 244 18.91 2.94 6.13
N SER A 245 19.22 4.20 6.44
CA SER A 245 19.49 4.62 7.82
C SER A 245 18.56 5.73 8.35
N CYS A 246 17.48 6.02 7.64
CA CYS A 246 16.51 7.03 8.09
C CYS A 246 15.06 6.66 7.74
N HIS A 247 14.60 5.55 8.31
CA HIS A 247 13.24 5.00 8.11
C HIS A 247 12.57 4.68 9.46
N LEU A 248 11.23 4.58 9.44
CA LEU A 248 10.44 4.37 10.65
C LEU A 248 10.27 2.90 10.95
N ALA A 249 10.33 2.07 9.92
CA ALA A 249 10.23 0.62 10.06
C ALA A 249 10.41 0.01 8.67
N VAL A 250 10.81 -1.25 8.62
CA VAL A 250 10.78 -2.06 7.42
C VAL A 250 9.45 -2.84 7.43
N ALA A 251 8.77 -2.87 6.30
CA ALA A 251 7.40 -3.35 6.19
C ALA A 251 7.32 -4.63 5.33
N PRO A 252 6.40 -5.55 5.67
CA PRO A 252 6.29 -6.73 4.83
C PRO A 252 5.57 -6.40 3.51
N ASN A 253 6.09 -6.93 2.41
CA ASN A 253 5.50 -6.72 1.09
C ASN A 253 4.02 -7.02 1.02
N HIS A 254 3.35 -6.17 0.25
CA HIS A 254 2.01 -6.48 -0.17
C HIS A 254 1.91 -7.91 -0.71
N ALA A 255 0.83 -8.59 -0.32
CA ALA A 255 0.63 -9.99 -0.69
C ALA A 255 -0.82 -10.27 -1.13
N VAL A 256 -0.96 -11.26 -2.02
CA VAL A 256 -2.25 -11.79 -2.46
C VAL A 256 -2.79 -12.74 -1.38
N VAL A 257 -4.03 -12.50 -0.93
CA VAL A 257 -4.68 -13.36 0.08
C VAL A 257 -5.88 -14.02 -0.58
N SER A 258 -6.24 -15.20 -0.08
CA SER A 258 -7.49 -15.87 -0.46
C SER A 258 -7.94 -16.65 0.74
N ARG A 259 -9.17 -17.18 0.71
CA ARG A 259 -9.59 -18.18 1.69
C ARG A 259 -8.70 -19.41 1.61
N SER A 260 -8.28 -19.97 2.75
CA SER A 260 -7.40 -21.16 2.71
C SER A 260 -7.91 -22.25 1.81
N ASP A 261 -9.20 -22.55 1.84
CA ASP A 261 -9.72 -23.61 0.97
C ASP A 261 -9.53 -23.32 -0.53
N ARG A 262 -9.11 -22.09 -0.87
CA ARG A 262 -8.97 -21.70 -2.28
C ARG A 262 -7.53 -21.44 -2.69
N ALA A 263 -6.67 -21.30 -1.68
CA ALA A 263 -5.28 -20.88 -1.81
C ALA A 263 -4.51 -21.62 -2.89
N ALA A 264 -4.61 -22.95 -2.92
CA ALA A 264 -3.86 -23.76 -3.87
C ALA A 264 -4.24 -23.42 -5.30
N HIS A 265 -5.54 -23.37 -5.56
CA HIS A 265 -6.04 -23.02 -6.87
C HIS A 265 -5.67 -21.61 -7.29
N VAL A 266 -5.77 -20.64 -6.36
CA VAL A 266 -5.45 -19.25 -6.68
C VAL A 266 -3.97 -19.12 -7.05
N GLU A 267 -3.11 -19.80 -6.30
CA GLU A 267 -1.70 -19.81 -6.56
C GLU A 267 -1.35 -20.31 -7.97
N GLN A 268 -1.91 -21.45 -8.34
CA GLN A 268 -1.69 -22.08 -9.63
C GLN A 268 -2.05 -21.12 -10.80
N VAL A 269 -3.23 -20.51 -10.74
CA VAL A 269 -3.66 -19.62 -11.82
C VAL A 269 -2.75 -18.40 -11.93
N LEU A 270 -2.42 -17.81 -10.78
CA LEU A 270 -1.58 -16.61 -10.74
C LEU A 270 -0.21 -16.76 -11.33
N LEU A 271 0.44 -17.89 -11.06
CA LEU A 271 1.77 -18.20 -11.60
C LEU A 271 1.68 -18.36 -13.09
N HIS A 272 0.62 -19.00 -13.58
CA HIS A 272 0.41 -19.09 -15.02
C HIS A 272 0.05 -17.74 -15.63
N GLN A 273 -0.61 -16.88 -14.87
CA GLN A 273 -1.01 -15.56 -15.36
C GLN A 273 0.17 -14.62 -15.51
N GLN A 274 1.14 -14.73 -14.62
CA GLN A 274 2.30 -13.86 -14.69
C GLN A 274 3.28 -14.37 -15.75
N ALA A 275 3.34 -15.68 -15.95
CA ALA A 275 4.01 -16.23 -17.11
C ALA A 275 3.57 -15.44 -18.34
N LEU A 276 2.28 -15.11 -18.41
CA LEU A 276 1.71 -14.38 -19.54
C LEU A 276 1.89 -12.86 -19.48
N PHE A 277 1.72 -12.26 -18.30
CA PHE A 277 1.57 -10.81 -18.21
C PHE A 277 2.55 -10.14 -17.27
N GLY A 278 3.47 -10.92 -16.70
CA GLY A 278 4.50 -10.39 -15.81
C GLY A 278 5.63 -9.65 -16.52
N LYS A 279 6.70 -9.38 -15.76
CA LYS A 279 7.83 -8.54 -16.20
C LYS A 279 8.36 -8.85 -17.60
N ASN A 280 8.62 -10.13 -17.91
CA ASN A 280 8.86 -10.53 -19.32
C ASN A 280 7.93 -11.67 -19.75
N GLY A 281 6.63 -11.51 -19.50
CA GLY A 281 5.68 -12.52 -19.88
C GLY A 281 5.48 -12.46 -21.37
N LYS A 282 4.90 -13.54 -21.90
CA LYS A 282 4.66 -13.70 -23.34
C LYS A 282 3.96 -12.51 -23.95
N ASN A 283 3.02 -11.91 -23.22
CA ASN A 283 2.12 -10.91 -23.76
C ASN A 283 2.31 -9.54 -23.20
N CYS A 284 3.39 -9.36 -22.45
CA CYS A 284 3.77 -8.05 -22.00
C CYS A 284 5.12 -7.70 -22.61
N PRO A 285 5.28 -6.47 -23.15
CA PRO A 285 4.35 -5.33 -23.26
C PRO A 285 3.41 -5.34 -24.46
N ASP A 286 3.42 -6.42 -25.23
CA ASP A 286 2.65 -6.50 -26.49
C ASP A 286 1.17 -6.27 -26.26
N LYS A 287 0.55 -7.15 -25.49
CA LYS A 287 -0.90 -7.07 -25.32
C LYS A 287 -1.33 -6.45 -24.00
N PHE A 288 -0.76 -6.88 -22.86
CA PHE A 288 -1.20 -6.39 -21.55
C PHE A 288 -0.15 -6.66 -20.45
N CYS A 289 0.09 -5.68 -19.59
CA CYS A 289 1.03 -5.85 -18.50
C CYS A 289 0.33 -5.74 -17.13
N LEU A 290 0.25 -6.87 -16.44
CA LEU A 290 -0.27 -6.96 -15.09
C LEU A 290 0.30 -5.93 -14.10
N PHE A 291 1.59 -5.64 -14.17
CA PHE A 291 2.21 -4.77 -13.17
C PHE A 291 2.44 -3.33 -13.63
N LYS A 292 1.66 -2.88 -14.61
CA LYS A 292 1.72 -1.51 -15.12
C LYS A 292 0.37 -0.81 -15.05
N SER A 293 0.43 0.50 -14.82
CA SER A 293 -0.70 1.44 -14.75
C SER A 293 0.04 2.74 -14.46
N GLU A 294 -0.27 3.82 -15.16
CA GLU A 294 0.64 5.00 -15.09
C GLU A 294 0.81 5.56 -13.66
N THR A 295 1.79 4.98 -12.95
CA THR A 295 2.10 5.24 -11.53
C THR A 295 0.90 5.19 -10.56
N LYS A 296 -0.17 4.51 -10.96
CA LYS A 296 -1.37 4.49 -10.13
C LYS A 296 -1.46 3.26 -9.22
N ASN A 297 -0.52 2.32 -9.34
CA ASN A 297 -0.51 1.13 -8.49
C ASN A 297 -1.87 0.44 -8.36
N LEU A 298 -2.45 0.02 -9.49
CA LEU A 298 -3.77 -0.55 -9.51
C LEU A 298 -3.65 -2.06 -9.50
N LEU A 299 -4.39 -2.70 -8.60
CA LEU A 299 -4.26 -4.13 -8.29
C LEU A 299 -2.89 -4.50 -7.73
N PHE A 300 -1.82 -4.00 -8.38
CA PHE A 300 -0.45 -4.21 -7.94
C PHE A 300 0.37 -2.93 -7.96
N ASN A 301 1.41 -2.89 -7.13
CA ASN A 301 2.42 -1.85 -7.20
C ASN A 301 3.11 -1.94 -8.52
N ASP A 302 3.33 -0.78 -9.14
CA ASP A 302 3.93 -0.71 -10.46
C ASP A 302 5.36 -1.19 -10.50
N ASN A 303 6.03 -1.31 -9.35
CA ASN A 303 7.43 -1.77 -9.34
C ASN A 303 7.60 -3.31 -9.13
N THR A 304 6.49 -4.05 -9.25
CA THR A 304 6.54 -5.48 -9.02
C THR A 304 7.24 -6.17 -10.19
N GLU A 305 8.34 -6.81 -9.88
CA GLU A 305 9.07 -7.65 -10.81
C GLU A 305 8.26 -8.93 -11.05
N CYS A 306 7.82 -9.58 -9.98
CA CYS A 306 7.05 -10.82 -10.09
C CYS A 306 6.35 -11.05 -8.76
N LEU A 307 5.45 -12.03 -8.72
CA LEU A 307 4.87 -12.53 -7.47
C LEU A 307 5.63 -13.76 -7.07
N ALA A 308 6.06 -13.78 -5.81
CA ALA A 308 6.94 -14.82 -5.31
C ALA A 308 6.19 -15.80 -4.41
N LYS A 309 6.60 -17.07 -4.50
CA LYS A 309 6.15 -18.14 -3.59
C LYS A 309 6.62 -17.78 -2.20
N LEU A 310 6.14 -18.50 -1.19
CA LEU A 310 6.44 -18.23 0.20
C LEU A 310 7.00 -19.48 0.88
N GLY A 311 8.28 -19.44 1.23
CA GLY A 311 8.92 -20.59 1.87
C GLY A 311 8.31 -20.81 3.24
N GLY A 312 8.11 -22.08 3.61
CA GLY A 312 7.69 -22.41 4.98
C GLY A 312 6.21 -22.26 5.23
N ARG A 313 5.42 -22.31 4.15
CA ARG A 313 3.98 -22.09 4.17
C ARG A 313 3.50 -21.20 5.34
N PRO A 314 3.93 -19.93 5.38
CA PRO A 314 3.69 -19.20 6.62
C PRO A 314 2.22 -18.86 6.84
N THR A 315 1.81 -18.82 8.10
CA THR A 315 0.52 -18.23 8.47
C THR A 315 0.62 -16.70 8.35
N TYR A 316 -0.47 -16.00 8.67
CA TYR A 316 -0.48 -14.57 8.46
C TYR A 316 0.39 -13.84 9.53
N GLU A 317 0.46 -14.42 10.73
CA GLU A 317 1.27 -13.87 11.79
C GLU A 317 2.74 -14.09 11.47
N GLU A 318 3.04 -15.23 10.86
CA GLU A 318 4.40 -15.53 10.47
C GLU A 318 4.80 -14.68 9.31
N TYR A 319 3.90 -14.53 8.35
CA TYR A 319 4.15 -13.64 7.21
C TYR A 319 4.38 -12.20 7.64
N LEU A 320 3.56 -11.67 8.55
CA LEU A 320 3.72 -10.27 8.94
C LEU A 320 4.89 -10.12 9.91
N GLY A 321 5.15 -11.19 10.68
CA GLY A 321 6.24 -11.23 11.64
C GLY A 321 5.77 -10.64 12.95
N THR A 322 6.37 -11.11 14.05
CA THR A 322 5.98 -10.74 15.43
C THR A 322 6.15 -9.26 15.78
N GLU A 323 7.24 -8.63 15.38
CA GLU A 323 7.40 -7.22 15.72
C GLU A 323 6.21 -6.40 15.12
N TYR A 324 5.96 -6.54 13.83
CA TYR A 324 4.81 -5.86 13.22
C TYR A 324 3.43 -6.18 13.86
N VAL A 325 3.18 -7.45 14.17
CA VAL A 325 1.87 -7.87 14.68
C VAL A 325 1.59 -7.25 16.04
N THR A 326 2.62 -7.14 16.87
CA THR A 326 2.45 -6.57 18.22
C THR A 326 2.15 -5.08 18.14
N ALA A 327 2.81 -4.40 17.21
CA ALA A 327 2.60 -2.98 16.98
C ALA A 327 1.12 -2.72 16.63
N ILE A 328 0.57 -3.49 15.68
CA ILE A 328 -0.84 -3.35 15.28
C ILE A 328 -1.82 -3.63 16.43
N ALA A 329 -1.56 -4.69 17.21
CA ALA A 329 -2.39 -4.99 18.38
C ALA A 329 -2.40 -3.83 19.38
N ASN A 330 -1.21 -3.40 19.83
CA ASN A 330 -1.08 -2.21 20.70
C ASN A 330 -1.82 -0.96 20.17
N LEU A 331 -1.73 -0.69 18.87
CA LEU A 331 -2.44 0.43 18.27
C LEU A 331 -3.97 0.22 18.29
N LYS A 332 -4.41 -1.02 18.08
CA LYS A 332 -5.84 -1.34 17.98
C LYS A 332 -6.57 -1.26 19.31
N LYS A 333 -5.82 -1.37 20.41
CA LYS A 333 -6.43 -1.20 21.72
C LYS A 333 -6.79 0.28 21.98
N CYS A 334 -6.27 1.18 21.16
CA CYS A 334 -6.59 2.61 21.24
C CYS A 334 -7.96 2.96 20.73
N SER A 335 -8.48 2.18 19.79
CA SER A 335 -9.79 2.48 19.21
C SER A 335 -10.48 1.23 18.65
N LEU A 340 -9.14 -8.36 20.00
CA LEU A 340 -8.05 -9.21 20.47
C LEU A 340 -8.14 -10.57 19.82
N GLU A 341 -9.34 -11.15 19.92
CA GLU A 341 -9.60 -12.48 19.44
C GLU A 341 -10.99 -12.55 18.80
N ALA A 342 -11.14 -11.95 17.64
CA ALA A 342 -12.39 -12.04 16.88
C ALA A 342 -12.26 -11.45 15.50
N CYS A 343 -12.86 -12.10 14.51
CA CYS A 343 -12.97 -11.49 13.18
C CYS A 343 -13.90 -10.26 13.25
N ALA A 344 -13.48 -9.20 12.56
CA ALA A 344 -14.13 -7.87 12.61
C ALA A 344 -15.43 -7.76 11.79
N PHE A 345 -15.93 -8.90 11.30
CA PHE A 345 -17.18 -8.93 10.54
C PHE A 345 -18.12 -10.06 10.99
#